data_2ACT
#
_entry.id   2ACT
#
_cell.length_a   78.200
_cell.length_b   81.800
_cell.length_c   33.030
_cell.angle_alpha   90.00
_cell.angle_beta   90.00
_cell.angle_gamma   90.00
#
_symmetry.space_group_name_H-M   'P 21 21 21'
#
loop_
_entity.id
_entity.type
_entity.pdbx_description
1 polymer 'ACTINIDIN PRECURSOR'
2 non-polymer 'AMMONIUM ION'
3 water water
#
_entity_poly.entity_id   1
_entity_poly.type   'polypeptide(L)'
_entity_poly.pdbx_seq_one_letter_code
;LPSYVDWRSAGAVVDIKSQGECGG(CSD)WAFSAIATVEGINKITSGSLISLSEQELIDCGRTQNTRGCDGGYITDGFQF
IINDGGINTEENYPYTAQDGDCDVALQDQKYVTIDTYENVPYNNEWALQTAVTYQPVSVALDAAGDAFKQYASGIFTGPC
GTAVDHAIVIVGYGTEGGVDYWIVKNSWDTTWGEEGYMRILRNVGGAGTCGIATMPSYPVKYNN
;
_entity_poly.pdbx_strand_id   A
#
# COMPACT_ATOMS: atom_id res chain seq x y z
N LEU A 1 20.37 -4.93 10.00
CA LEU A 1 19.35 -3.94 9.61
C LEU A 1 19.21 -2.89 10.73
N PRO A 2 18.76 -1.72 10.29
CA PRO A 2 18.57 -0.61 11.23
C PRO A 2 17.47 -0.92 12.25
N SER A 3 17.46 -0.13 13.32
CA SER A 3 16.40 -0.42 14.32
C SER A 3 15.14 0.43 14.12
N TYR A 4 15.27 1.44 13.27
CA TYR A 4 14.16 2.37 12.99
C TYR A 4 14.22 2.60 11.46
N VAL A 5 13.07 2.64 10.80
CA VAL A 5 13.01 2.96 9.36
C VAL A 5 11.68 3.75 9.25
N ASP A 6 11.72 4.90 8.58
CA ASP A 6 10.47 5.67 8.38
C ASP A 6 10.64 6.40 7.02
N TRP A 7 9.96 5.87 6.00
CA TRP A 7 10.07 6.44 4.66
C TRP A 7 9.54 7.88 4.60
N ARG A 8 8.75 8.31 5.59
CA ARG A 8 8.26 9.69 5.60
C ARG A 8 9.44 10.66 5.80
N SER A 9 10.40 10.17 6.58
CA SER A 9 11.54 11.07 6.80
C SER A 9 12.47 11.22 5.58
N ALA A 10 12.20 10.43 4.55
CA ALA A 10 13.03 10.46 3.35
C ALA A 10 12.34 11.13 2.16
N GLY A 11 11.16 11.68 2.43
CA GLY A 11 10.36 12.33 1.39
C GLY A 11 9.76 11.37 0.35
N ALA A 12 9.61 10.10 0.73
CA ALA A 12 9.09 9.09 -0.21
C ALA A 12 7.63 8.68 0.01
N VAL A 13 6.89 9.45 0.81
CA VAL A 13 5.49 9.09 1.04
C VAL A 13 4.53 10.27 0.79
N VAL A 14 3.62 10.06 -0.15
CA VAL A 14 2.60 11.10 -0.44
C VAL A 14 1.61 11.20 0.74
N ASP A 15 1.04 12.39 0.91
CA ASP A 15 0.11 12.60 2.03
C ASP A 15 -1.06 11.58 1.95
N ILE A 16 -1.62 11.29 3.12
CA ILE A 16 -2.73 10.33 3.24
C ILE A 16 -3.91 10.66 2.30
N LYS A 17 -4.46 9.60 1.73
CA LYS A 17 -5.58 9.72 0.80
C LYS A 17 -6.80 9.01 1.44
N SER A 18 -7.93 9.18 0.77
CA SER A 18 -9.18 8.62 1.31
C SER A 18 -9.96 7.82 0.26
N GLN A 19 -10.14 6.53 0.51
CA GLN A 19 -10.81 5.81 -0.59
C GLN A 19 -12.34 5.90 -0.57
N GLY A 20 -12.92 6.34 0.55
CA GLY A 20 -14.40 6.39 0.55
C GLY A 20 -15.00 4.97 0.57
N GLU A 21 -16.18 4.90 -0.05
CA GLU A 21 -16.91 3.63 -0.05
C GLU A 21 -16.48 2.61 -1.10
N CYS A 22 -15.76 3.10 -2.10
CA CYS A 22 -15.28 2.15 -3.13
C CYS A 22 -14.21 1.22 -2.50
N GLY A 23 -14.31 -0.07 -2.81
CA GLY A 23 -13.37 -1.08 -2.29
C GLY A 23 -12.11 -1.22 -3.15
N GLY A 24 -11.54 -0.04 -3.42
CA GLY A 24 -10.33 -0.08 -4.26
C GLY A 24 -9.02 0.04 -3.48
N TRP A 26 -6.81 -2.11 -2.95
CA TRP A 26 -5.75 -2.79 -3.72
C TRP A 26 -4.97 -1.77 -4.57
N ALA A 27 -5.69 -0.80 -5.13
CA ALA A 27 -5.14 0.27 -5.97
C ALA A 27 -4.38 1.33 -5.15
N PHE A 28 -4.95 1.71 -4.01
CA PHE A 28 -4.34 2.62 -3.06
C PHE A 28 -2.93 2.10 -2.69
N SER A 29 -2.94 0.83 -2.29
CA SER A 29 -1.67 0.19 -1.87
C SER A 29 -0.64 0.05 -3.00
N ALA A 30 -1.07 -0.41 -4.18
CA ALA A 30 -0.07 -0.56 -5.26
C ALA A 30 0.49 0.83 -5.61
N ILE A 31 -0.40 1.83 -5.69
CA ILE A 31 0.05 3.19 -6.04
C ILE A 31 1.03 3.74 -4.98
N ALA A 32 0.69 3.61 -3.70
CA ALA A 32 1.62 4.11 -2.67
C ALA A 32 3.04 3.55 -2.81
N THR A 33 3.17 2.25 -3.07
CA THR A 33 4.54 1.74 -3.23
C THR A 33 5.27 2.15 -4.52
N VAL A 34 4.50 2.36 -5.58
CA VAL A 34 5.08 2.81 -6.87
C VAL A 34 5.55 4.27 -6.64
N GLU A 35 4.75 5.06 -5.94
CA GLU A 35 5.15 6.44 -5.59
C GLU A 35 6.50 6.42 -4.83
N GLY A 36 6.57 5.52 -3.85
CA GLY A 36 7.81 5.36 -3.06
C GLY A 36 9.04 4.96 -3.89
N ILE A 37 8.92 3.93 -4.72
CA ILE A 37 10.09 3.50 -5.50
C ILE A 37 10.53 4.54 -6.53
N ASN A 38 9.53 5.22 -7.08
CA ASN A 38 9.80 6.28 -8.05
C ASN A 38 10.64 7.39 -7.39
N LYS A 39 10.27 7.76 -6.16
CA LYS A 39 11.04 8.79 -5.42
C LYS A 39 12.48 8.33 -5.18
N ILE A 40 12.55 7.09 -4.67
CA ILE A 40 13.86 6.51 -4.37
C ILE A 40 14.80 6.52 -5.58
N THR A 41 14.25 6.07 -6.69
CA THR A 41 15.07 5.96 -7.89
C THR A 41 15.29 7.26 -8.67
N SER A 42 14.21 8.02 -8.89
CA SER A 42 14.28 9.24 -9.70
C SER A 42 14.55 10.52 -8.88
N GLY A 43 14.30 10.46 -7.58
CA GLY A 43 14.52 11.61 -6.69
C GLY A 43 13.35 12.59 -6.59
N SER A 44 12.31 12.26 -7.34
CA SER A 44 11.09 13.12 -7.36
C SER A 44 9.84 12.36 -6.90
N LEU A 45 9.10 12.96 -5.98
CA LEU A 45 7.89 12.33 -5.43
C LEU A 45 6.68 12.90 -6.20
N ILE A 46 5.91 12.00 -6.80
CA ILE A 46 4.74 12.39 -7.60
C ILE A 46 3.57 11.50 -7.10
N SER A 47 2.44 12.16 -6.91
CA SER A 47 1.21 11.45 -6.52
C SER A 47 0.59 10.86 -7.81
N LEU A 48 0.33 9.57 -7.74
CA LEU A 48 -0.15 8.80 -8.90
C LEU A 48 -1.63 8.38 -8.76
N SER A 49 -2.17 8.06 -9.93
CA SER A 49 -3.59 7.73 -10.09
C SER A 49 -4.11 6.33 -9.71
N GLU A 50 -4.91 6.32 -8.64
CA GLU A 50 -5.59 5.08 -8.22
C GLU A 50 -6.75 4.89 -9.22
N GLN A 51 -7.36 6.00 -9.64
CA GLN A 51 -8.50 5.91 -10.57
C GLN A 51 -8.20 5.17 -11.86
N GLU A 52 -6.99 5.43 -12.37
CA GLU A 52 -6.61 4.75 -13.62
C GLU A 52 -6.58 3.22 -13.42
N LEU A 53 -6.10 2.78 -12.26
CA LEU A 53 -6.06 1.33 -12.00
C LEU A 53 -7.50 0.78 -11.89
N ILE A 54 -8.37 1.51 -11.19
CA ILE A 54 -9.76 1.10 -11.00
C ILE A 54 -10.48 0.95 -12.35
N ASP A 55 -10.34 1.99 -13.18
CA ASP A 55 -11.03 2.00 -14.46
C ASP A 55 -10.40 1.18 -15.59
N CYS A 56 -9.08 1.28 -15.74
CA CYS A 56 -8.40 0.60 -16.85
C CYS A 56 -7.73 -0.75 -16.53
N GLY A 57 -7.53 -1.04 -15.25
CA GLY A 57 -6.84 -2.23 -14.79
C GLY A 57 -7.72 -3.43 -14.38
N ARG A 58 -8.95 -3.50 -14.87
CA ARG A 58 -9.79 -4.67 -14.52
C ARG A 58 -9.20 -5.94 -15.17
N THR A 59 -9.03 -6.98 -14.36
CA THR A 59 -8.48 -8.22 -14.93
C THR A 59 -8.81 -9.34 -13.92
N GLN A 60 -9.28 -10.46 -14.46
CA GLN A 60 -9.56 -11.63 -13.63
C GLN A 60 -10.42 -11.22 -12.42
N ASN A 61 -9.88 -11.45 -11.23
CA ASN A 61 -10.64 -11.11 -10.03
C ASN A 61 -10.38 -9.71 -9.47
N THR A 62 -9.75 -8.86 -10.27
CA THR A 62 -9.53 -7.48 -9.81
C THR A 62 -10.51 -6.65 -10.67
N ARG A 63 -11.52 -6.19 -9.93
CA ARG A 63 -12.65 -5.52 -10.58
C ARG A 63 -12.97 -4.16 -9.94
N GLY A 64 -12.08 -3.18 -10.08
CA GLY A 64 -12.39 -1.86 -9.51
C GLY A 64 -12.81 -1.80 -8.04
N CYS A 65 -13.92 -1.08 -7.83
CA CYS A 65 -14.45 -0.87 -6.49
C CYS A 65 -14.98 -2.15 -5.80
N ASP A 66 -15.16 -3.17 -6.64
CA ASP A 66 -15.57 -4.48 -6.14
C ASP A 66 -14.41 -5.19 -5.43
N GLY A 67 -13.18 -4.72 -5.53
CA GLY A 67 -12.13 -5.51 -4.86
C GLY A 67 -11.12 -5.98 -5.92
N GLY A 68 -9.98 -6.37 -5.37
CA GLY A 68 -8.90 -6.83 -6.25
C GLY A 68 -7.60 -7.12 -5.51
N TYR A 69 -6.57 -7.30 -6.34
CA TYR A 69 -5.27 -7.66 -5.76
C TYR A 69 -4.16 -6.65 -6.08
N ILE A 70 -3.37 -6.34 -5.06
CA ILE A 70 -2.24 -5.42 -5.18
C ILE A 70 -1.39 -5.71 -6.44
N THR A 71 -1.04 -6.98 -6.63
CA THR A 71 -0.21 -7.41 -7.75
C THR A 71 -0.79 -7.15 -9.15
N ASP A 72 -2.12 -7.12 -9.25
CA ASP A 72 -2.76 -6.82 -10.54
C ASP A 72 -2.60 -5.30 -10.77
N GLY A 73 -2.46 -4.55 -9.69
CA GLY A 73 -2.18 -3.11 -9.83
C GLY A 73 -0.79 -2.92 -10.47
N PHE A 74 0.22 -3.60 -9.90
CA PHE A 74 1.57 -3.54 -10.46
C PHE A 74 1.57 -4.05 -11.91
N GLN A 75 0.88 -5.16 -12.14
CA GLN A 75 0.85 -5.75 -13.49
C GLN A 75 0.22 -4.81 -14.53
N PHE A 76 -0.81 -4.05 -14.16
CA PHE A 76 -1.45 -3.06 -15.04
C PHE A 76 -0.34 -2.07 -15.48
N ILE A 77 0.39 -1.51 -14.51
CA ILE A 77 1.44 -0.53 -14.79
C ILE A 77 2.52 -1.05 -15.74
N ILE A 78 2.92 -2.28 -15.43
CA ILE A 78 3.87 -2.98 -16.30
C ILE A 78 3.32 -3.15 -17.71
N ASN A 79 2.14 -3.75 -17.85
CA ASN A 79 1.61 -4.04 -19.19
C ASN A 79 1.28 -2.76 -19.97
N ASP A 80 0.84 -1.72 -19.26
CA ASP A 80 0.48 -0.44 -19.88
C ASP A 80 1.73 0.37 -20.30
N GLY A 81 2.88 0.11 -19.67
CA GLY A 81 4.11 0.88 -19.93
C GLY A 81 4.14 2.18 -19.11
N GLY A 82 3.29 2.24 -18.07
CA GLY A 82 3.33 3.44 -17.23
C GLY A 82 1.97 3.78 -16.59
N ILE A 83 2.03 4.87 -15.84
CA ILE A 83 0.88 5.39 -15.11
C ILE A 83 0.92 6.93 -15.09
N ASN A 84 -0.29 7.46 -14.99
CA ASN A 84 -0.48 8.92 -14.99
C ASN A 84 -0.60 9.38 -13.53
N THR A 85 -0.65 10.70 -13.39
CA THR A 85 -0.71 11.32 -12.07
C THR A 85 -2.12 11.46 -11.49
N GLU A 86 -2.14 11.67 -10.17
CA GLU A 86 -3.38 11.85 -9.43
C GLU A 86 -4.10 13.11 -9.96
N GLU A 87 -3.31 14.17 -10.16
CA GLU A 87 -3.89 15.40 -10.72
C GLU A 87 -4.48 15.20 -12.13
N ASN A 88 -3.82 14.47 -13.02
CA ASN A 88 -4.35 14.25 -14.37
C ASN A 88 -5.54 13.27 -14.46
N TYR A 89 -5.59 12.30 -13.56
CA TYR A 89 -6.68 11.30 -13.66
C TYR A 89 -7.11 11.08 -12.20
N PRO A 90 -7.89 12.05 -11.71
CA PRO A 90 -8.29 12.08 -10.31
C PRO A 90 -9.30 11.02 -9.89
N TYR A 91 -9.24 10.80 -8.59
CA TYR A 91 -10.08 9.75 -7.97
C TYR A 91 -11.51 10.24 -7.73
N THR A 92 -12.44 9.38 -8.13
CA THR A 92 -13.87 9.65 -7.97
C THR A 92 -14.57 8.63 -7.06
N ALA A 93 -13.89 7.57 -6.64
CA ALA A 93 -14.55 6.55 -5.82
C ALA A 93 -15.68 5.81 -6.53
N GLN A 94 -15.53 5.71 -7.84
CA GLN A 94 -16.57 5.05 -8.66
C GLN A 94 -15.81 4.12 -9.64
N ASP A 95 -16.59 3.17 -10.13
CA ASP A 95 -16.06 2.34 -11.25
C ASP A 95 -16.35 3.19 -12.50
N GLY A 96 -15.37 3.56 -13.32
CA GLY A 96 -15.78 4.45 -14.45
C GLY A 96 -15.27 3.78 -15.74
N ASP A 97 -15.52 4.51 -16.83
CA ASP A 97 -15.01 4.13 -18.16
C ASP A 97 -13.51 4.46 -18.08
N CYS A 98 -12.66 3.52 -18.47
CA CYS A 98 -11.23 3.84 -18.63
C CYS A 98 -11.08 4.99 -19.65
N ASP A 99 -10.44 6.08 -19.20
CA ASP A 99 -10.22 7.14 -20.20
C ASP A 99 -8.87 6.86 -20.89
N VAL A 100 -9.02 6.44 -22.13
CA VAL A 100 -7.87 6.03 -22.94
C VAL A 100 -6.81 7.09 -23.24
N ALA A 101 -7.25 8.33 -23.45
CA ALA A 101 -6.28 9.42 -23.66
C ALA A 101 -5.43 9.60 -22.39
N LEU A 102 -6.10 9.51 -21.23
CA LEU A 102 -5.35 9.63 -19.97
C LEU A 102 -4.57 8.33 -19.71
N GLN A 103 -5.11 7.20 -20.17
CA GLN A 103 -4.32 5.97 -19.95
C GLN A 103 -3.02 5.96 -20.76
N ASP A 104 -3.05 6.63 -21.91
CA ASP A 104 -1.88 6.65 -22.80
C ASP A 104 -0.79 7.65 -22.36
N GLN A 105 -1.18 8.54 -21.47
CA GLN A 105 -0.27 9.56 -20.92
C GLN A 105 0.45 8.98 -19.70
N LYS A 106 1.73 8.70 -19.91
CA LYS A 106 2.48 7.92 -18.89
C LYS A 106 3.63 8.77 -18.33
N TYR A 107 3.73 8.95 -17.02
CA TYR A 107 4.78 9.81 -16.44
C TYR A 107 5.74 8.92 -15.63
N VAL A 108 5.25 7.81 -15.08
CA VAL A 108 6.06 6.96 -14.18
C VAL A 108 5.93 5.51 -14.66
N THR A 109 7.06 4.81 -14.60
CA THR A 109 7.15 3.41 -15.02
C THR A 109 7.83 2.58 -13.91
N ILE A 110 7.52 1.29 -14.01
CA ILE A 110 8.18 0.31 -13.15
C ILE A 110 8.57 -0.83 -14.10
N ASP A 111 9.51 -1.63 -13.64
CA ASP A 111 9.96 -2.71 -14.52
C ASP A 111 9.39 -4.09 -14.20
N THR A 112 9.26 -4.35 -12.91
CA THR A 112 8.73 -5.68 -12.53
C THR A 112 8.20 -5.56 -11.09
N TYR A 113 7.85 -6.66 -10.45
CA TYR A 113 7.48 -6.56 -9.03
C TYR A 113 7.96 -7.88 -8.39
N GLU A 114 8.11 -7.90 -7.07
CA GLU A 114 8.54 -9.15 -6.42
C GLU A 114 7.57 -9.45 -5.25
N ASN A 115 7.44 -10.74 -4.96
CA ASN A 115 6.67 -11.08 -3.74
C ASN A 115 7.69 -11.38 -2.60
N VAL A 116 7.37 -10.91 -1.40
CA VAL A 116 8.22 -11.24 -0.24
C VAL A 116 7.73 -12.64 0.23
N PRO A 117 8.66 -13.47 0.70
CA PRO A 117 8.28 -14.81 1.18
C PRO A 117 7.16 -14.60 2.23
N TYR A 118 6.04 -15.29 2.06
CA TYR A 118 4.88 -15.10 2.93
C TYR A 118 5.16 -15.60 4.35
N ASN A 119 4.50 -15.00 5.34
CA ASN A 119 4.64 -15.41 6.73
C ASN A 119 6.09 -15.41 7.24
N ASN A 120 6.82 -14.35 6.92
CA ASN A 120 8.25 -14.29 7.32
C ASN A 120 8.56 -12.80 7.62
N GLU A 121 8.31 -12.40 8.87
CA GLU A 121 8.51 -11.00 9.24
C GLU A 121 9.94 -10.48 9.07
N TRP A 122 10.93 -11.36 9.23
CA TRP A 122 12.32 -10.98 9.02
C TRP A 122 12.56 -10.60 7.54
N ALA A 123 12.00 -11.41 6.64
CA ALA A 123 12.18 -11.11 5.20
C ALA A 123 11.44 -9.80 4.86
N LEU A 124 10.29 -9.61 5.49
CA LEU A 124 9.49 -8.38 5.28
C LEU A 124 10.28 -7.16 5.81
N GLN A 125 10.88 -7.30 6.99
CA GLN A 125 11.67 -6.20 7.56
C GLN A 125 12.83 -5.79 6.63
N THR A 126 13.48 -6.83 6.10
CA THR A 126 14.58 -6.57 5.17
C THR A 126 14.07 -5.78 3.96
N ALA A 127 12.94 -6.20 3.39
CA ALA A 127 12.38 -5.51 2.22
C ALA A 127 12.02 -4.04 2.53
N VAL A 128 11.39 -3.80 3.68
CA VAL A 128 11.00 -2.44 4.11
C VAL A 128 12.20 -1.51 4.31
N THR A 129 13.34 -2.12 4.65
CA THR A 129 14.56 -1.30 4.81
C THR A 129 14.91 -0.64 3.47
N TYR A 130 14.52 -1.27 2.36
CA TYR A 130 14.88 -0.58 1.11
C TYR A 130 13.78 0.23 0.41
N GLN A 131 12.52 -0.05 0.74
CA GLN A 131 11.44 0.68 0.06
C GLN A 131 10.11 0.38 0.77
N PRO A 132 9.11 1.22 0.57
CA PRO A 132 7.79 0.90 1.13
C PRO A 132 7.29 -0.40 0.45
N VAL A 133 6.53 -1.20 1.21
CA VAL A 133 6.03 -2.51 0.75
C VAL A 133 4.50 -2.60 0.91
N SER A 134 3.86 -3.21 -0.08
CA SER A 134 2.39 -3.37 -0.06
C SER A 134 2.03 -4.68 0.69
N VAL A 135 1.00 -4.58 1.52
CA VAL A 135 0.55 -5.76 2.27
C VAL A 135 -0.99 -5.69 2.39
N ALA A 136 -1.56 -6.83 2.78
CA ALA A 136 -3.01 -6.90 3.00
C ALA A 136 -3.20 -7.42 4.43
N LEU A 137 -4.25 -6.93 5.09
CA LEU A 137 -4.48 -7.42 6.45
C LEU A 137 -6.01 -7.61 6.63
N ASP A 138 -6.36 -8.22 7.76
CA ASP A 138 -7.78 -8.46 8.06
C ASP A 138 -8.23 -7.22 8.90
N ALA A 139 -9.00 -6.41 8.19
CA ALA A 139 -9.50 -5.16 8.75
C ALA A 139 -11.01 -5.19 9.01
N ALA A 140 -11.49 -6.43 9.05
CA ALA A 140 -12.94 -6.55 9.27
C ALA A 140 -13.46 -6.30 10.70
N GLY A 141 -12.63 -6.34 11.74
CA GLY A 141 -13.20 -6.23 13.10
C GLY A 141 -13.41 -4.77 13.54
N ASP A 142 -14.30 -4.58 14.51
CA ASP A 142 -14.45 -3.18 14.95
C ASP A 142 -13.21 -2.56 15.63
N ALA A 143 -12.40 -3.43 16.24
CA ALA A 143 -11.20 -2.90 16.90
C ALA A 143 -10.34 -2.22 15.83
N PHE A 144 -10.20 -2.88 14.68
CA PHE A 144 -9.41 -2.26 13.61
C PHE A 144 -10.09 -0.97 13.12
N LYS A 145 -11.39 -1.07 12.87
CA LYS A 145 -12.13 0.11 12.36
C LYS A 145 -12.12 1.30 13.33
N GLN A 146 -12.17 0.95 14.61
CA GLN A 146 -12.22 1.93 15.70
C GLN A 146 -10.84 2.49 16.09
N TYR A 147 -9.72 1.94 15.61
CA TYR A 147 -8.38 2.35 16.06
C TYR A 147 -8.09 3.86 16.02
N ALA A 148 -7.62 4.38 17.15
CA ALA A 148 -7.30 5.81 17.18
C ALA A 148 -5.81 6.04 17.50
N SER A 149 -5.23 5.22 18.38
CA SER A 149 -3.81 5.46 18.64
C SER A 149 -3.16 4.27 19.37
N GLY A 150 -1.83 4.31 19.39
CA GLY A 150 -1.05 3.27 20.05
C GLY A 150 -0.57 2.15 19.10
N ILE A 151 0.07 1.17 19.70
CA ILE A 151 0.53 0.02 18.91
C ILE A 151 -0.62 -1.01 18.97
N PHE A 152 -1.24 -1.20 17.82
CA PHE A 152 -2.40 -2.11 17.75
C PHE A 152 -1.96 -3.57 17.86
N THR A 153 -2.70 -4.31 18.69
CA THR A 153 -2.30 -5.70 18.90
C THR A 153 -3.41 -6.68 18.49
N GLY A 154 -4.57 -6.12 18.14
CA GLY A 154 -5.67 -7.02 17.75
C GLY A 154 -6.80 -6.59 18.70
N PRO A 155 -7.88 -7.36 18.80
CA PRO A 155 -8.04 -8.62 18.08
C PRO A 155 -8.30 -8.42 16.57
N CYS A 156 -7.83 -9.39 15.82
CA CYS A 156 -8.10 -9.43 14.37
C CYS A 156 -7.66 -10.83 13.90
N GLY A 157 -8.27 -11.23 12.79
CA GLY A 157 -7.96 -12.55 12.24
C GLY A 157 -6.82 -12.38 11.22
N THR A 158 -6.65 -13.45 10.45
CA THR A 158 -5.58 -13.46 9.45
C THR A 158 -6.13 -13.71 8.02
N ALA A 159 -7.45 -13.64 7.82
CA ALA A 159 -8.03 -13.86 6.47
C ALA A 159 -8.14 -12.41 5.94
N VAL A 160 -7.06 -12.07 5.23
CA VAL A 160 -6.89 -10.71 4.75
C VAL A 160 -7.97 -10.18 3.80
N ASP A 161 -8.26 -8.89 3.96
CA ASP A 161 -9.28 -8.31 3.06
C ASP A 161 -9.09 -6.81 2.86
N HIS A 162 -7.96 -6.23 3.27
CA HIS A 162 -7.85 -4.77 3.14
C HIS A 162 -6.36 -4.51 2.81
N ALA A 163 -6.09 -3.86 1.67
CA ALA A 163 -4.68 -3.64 1.32
C ALA A 163 -4.22 -2.28 1.87
N ILE A 164 -2.99 -2.28 2.36
CA ILE A 164 -2.37 -1.06 2.89
C ILE A 164 -0.87 -1.07 2.57
N VAL A 165 -0.14 -0.08 3.08
CA VAL A 165 1.30 -0.02 2.73
C VAL A 165 2.10 0.10 4.03
N ILE A 166 3.21 -0.65 4.09
CA ILE A 166 4.07 -0.47 5.28
C ILE A 166 5.11 0.59 4.90
N VAL A 167 5.23 1.65 5.71
CA VAL A 167 6.23 2.68 5.40
C VAL A 167 7.44 2.72 6.36
N GLY A 168 7.46 1.81 7.33
CA GLY A 168 8.61 1.80 8.26
C GLY A 168 8.31 0.80 9.39
N TYR A 169 9.20 0.93 10.37
CA TYR A 169 9.12 0.09 11.56
C TYR A 169 10.02 0.70 12.64
N GLY A 170 9.74 0.25 13.84
CA GLY A 170 10.58 0.80 14.93
C GLY A 170 10.21 0.00 16.18
N THR A 171 10.65 0.54 17.32
CA THR A 171 10.39 -0.16 18.59
C THR A 171 10.14 0.93 19.64
N GLU A 172 9.16 0.71 20.52
CA GLU A 172 9.10 1.83 21.51
C GLU A 172 8.76 1.12 22.85
N GLY A 173 9.48 1.42 23.94
CA GLY A 173 9.09 0.73 25.18
C GLY A 173 9.28 -0.79 25.15
N GLY A 174 10.21 -1.21 24.29
CA GLY A 174 10.46 -2.65 24.16
C GLY A 174 9.41 -3.28 23.23
N VAL A 175 8.46 -2.55 22.66
CA VAL A 175 7.42 -3.21 21.82
C VAL A 175 7.72 -2.92 20.33
N ASP A 176 7.91 -3.98 19.54
CA ASP A 176 8.22 -3.75 18.12
C ASP A 176 6.90 -3.51 17.36
N TYR A 177 7.00 -2.57 16.41
CA TYR A 177 5.83 -2.21 15.58
C TYR A 177 6.29 -2.02 14.11
N TRP A 178 5.25 -2.03 13.27
CA TRP A 178 5.31 -1.71 11.84
C TRP A 178 4.51 -0.38 11.74
N ILE A 179 4.91 0.50 10.83
CA ILE A 179 4.19 1.76 10.56
C ILE A 179 3.39 1.56 9.24
N VAL A 180 2.07 1.67 9.36
CA VAL A 180 1.22 1.38 8.19
C VAL A 180 0.53 2.69 7.74
N LYS A 181 0.59 2.86 6.43
CA LYS A 181 -0.15 3.93 5.74
C LYS A 181 -1.50 3.32 5.29
N ASN A 182 -2.62 3.84 5.81
CA ASN A 182 -3.96 3.38 5.40
C ASN A 182 -4.58 4.43 4.46
N SER A 183 -5.73 4.15 3.84
CA SER A 183 -6.33 5.07 2.87
C SER A 183 -7.76 5.43 3.34
N TRP A 184 -7.83 5.71 4.64
CA TRP A 184 -9.11 6.02 5.28
C TRP A 184 -9.16 7.46 5.78
N ASP A 185 -8.36 8.30 5.13
CA ASP A 185 -8.26 9.71 5.55
C ASP A 185 -7.47 9.88 6.86
N THR A 186 -7.22 11.17 7.15
CA THR A 186 -6.40 11.51 8.33
C THR A 186 -7.22 11.45 9.63
N THR A 187 -8.52 11.28 9.43
CA THR A 187 -9.37 11.15 10.62
C THR A 187 -9.35 9.73 11.22
N TRP A 188 -8.69 8.72 10.67
CA TRP A 188 -8.65 7.37 11.27
C TRP A 188 -7.20 7.20 11.77
N GLY A 189 -7.04 6.45 12.86
CA GLY A 189 -5.68 6.17 13.33
C GLY A 189 -4.86 7.39 13.74
N GLU A 190 -3.54 7.26 13.66
CA GLU A 190 -2.69 8.41 14.04
C GLU A 190 -2.46 9.24 12.76
N GLU A 191 -3.40 10.14 12.53
CA GLU A 191 -3.35 11.02 11.35
C GLU A 191 -3.39 10.19 10.07
N GLY A 192 -4.16 9.09 10.08
CA GLY A 192 -4.20 8.29 8.85
C GLY A 192 -3.29 7.04 8.89
N TYR A 193 -2.34 7.01 9.82
CA TYR A 193 -1.45 5.85 9.96
C TYR A 193 -1.77 5.02 11.22
N MET A 194 -1.18 3.84 11.27
CA MET A 194 -1.33 2.89 12.37
C MET A 194 0.05 2.30 12.68
N ARG A 195 0.23 2.10 14.00
CA ARG A 195 1.42 1.35 14.44
C ARG A 195 0.83 -0.02 14.88
N ILE A 196 1.39 -1.11 14.36
CA ILE A 196 0.83 -2.45 14.61
C ILE A 196 1.98 -3.38 15.05
N LEU A 197 1.62 -4.22 16.02
CA LEU A 197 2.57 -5.14 16.65
C LEU A 197 3.35 -5.98 15.62
N ARG A 198 4.67 -5.97 15.77
CA ARG A 198 5.60 -6.70 14.90
C ARG A 198 6.27 -7.81 15.74
N ASN A 199 6.75 -8.77 14.97
CA ASN A 199 7.50 -9.97 15.35
C ASN A 199 6.66 -10.88 16.24
N VAL A 200 5.50 -11.25 15.71
CA VAL A 200 4.64 -12.14 16.49
C VAL A 200 4.67 -13.54 15.87
N GLY A 201 5.23 -13.71 14.67
CA GLY A 201 5.28 -15.07 14.09
C GLY A 201 4.11 -15.27 13.12
N GLY A 202 4.34 -16.33 12.33
CA GLY A 202 3.32 -16.80 11.41
C GLY A 202 2.91 -15.67 10.46
N ALA A 203 1.59 -15.53 10.28
CA ALA A 203 1.07 -14.53 9.35
C ALA A 203 1.23 -13.09 9.89
N GLY A 204 1.67 -12.91 11.12
CA GLY A 204 1.84 -11.55 11.67
C GLY A 204 0.49 -11.03 12.20
N THR A 205 0.47 -9.85 12.83
CA THR A 205 -0.74 -9.27 13.44
C THR A 205 -1.74 -8.89 12.35
N CYS A 206 -2.94 -9.46 12.45
CA CYS A 206 -3.94 -9.25 11.41
C CYS A 206 -3.57 -9.77 10.00
N GLY A 207 -2.62 -10.69 10.00
CA GLY A 207 -2.10 -11.33 8.78
C GLY A 207 -1.21 -10.39 7.94
N ILE A 208 -0.75 -9.30 8.55
CA ILE A 208 0.07 -8.31 7.85
C ILE A 208 1.25 -8.92 7.07
N ALA A 209 1.87 -10.00 7.56
CA ALA A 209 2.99 -10.57 6.80
C ALA A 209 2.62 -11.69 5.81
N THR A 210 1.34 -12.00 5.67
CA THR A 210 0.94 -13.15 4.83
C THR A 210 0.98 -12.98 3.30
N MET A 211 0.94 -11.75 2.79
CA MET A 211 1.00 -11.58 1.32
C MET A 211 1.67 -10.26 0.90
N PRO A 212 2.93 -10.03 1.22
CA PRO A 212 3.58 -8.75 0.84
C PRO A 212 4.18 -8.76 -0.58
N SER A 213 4.17 -7.58 -1.19
CA SER A 213 4.80 -7.45 -2.51
C SER A 213 5.32 -6.01 -2.68
N TYR A 214 6.23 -5.81 -3.63
CA TYR A 214 6.74 -4.45 -3.85
C TYR A 214 7.13 -4.35 -5.33
N PRO A 215 7.04 -3.12 -5.85
CA PRO A 215 7.44 -2.89 -7.25
C PRO A 215 8.96 -2.69 -7.36
N VAL A 216 9.49 -3.01 -8.55
CA VAL A 216 10.94 -2.86 -8.77
C VAL A 216 11.09 -1.95 -10.01
N LYS A 217 12.03 -1.03 -9.82
CA LYS A 217 12.39 -0.04 -10.84
C LYS A 217 13.92 -0.09 -10.83
N TYR A 218 14.43 -0.60 -11.94
CA TYR A 218 15.90 -0.61 -11.92
C TYR A 218 16.42 0.83 -12.25
#